data_5POS
#
_entry.id   5POS
#
_cell.length_a   55.450
_cell.length_b   56.650
_cell.length_c   101.720
_cell.angle_alpha   90.000
_cell.angle_beta   90.000
_cell.angle_gamma   90.000
#
_symmetry.space_group_name_H-M   'P 21 21 21'
#
loop_
_entity.id
_entity.type
_entity.pdbx_description
1 polymer 'Bromodomain-containing protein 1'
2 non-polymer 1,2-ETHANEDIOL
3 non-polymer N-[(4-methoxyphenyl)methyl]acetamide
4 non-polymer 'SODIUM ION'
5 water water
#
_entity_poly.entity_id   1
_entity_poly.type   'polypeptide(L)'
_entity_poly.pdbx_seq_one_letter_code
;MHHHHHHSSGVDLGTENLYFQSMEQVAMELRLTELTRLLRSVLDQLQDKDPARIFAQPVSLKEVPDYLDHIKHPMDFATM
RKRLEAQGYKNLHEFEEDFDLIIDNCMKYNARDTVFYRAAVRLRDQGGVVLRQARREVDSIGLEEASGMHLPERPA
;
_entity_poly.pdbx_strand_id   A,B
#
loop_
_chem_comp.id
_chem_comp.type
_chem_comp.name
_chem_comp.formula
8U1 non-polymer N-[(4-methoxyphenyl)methyl]acetamide 'C10 H13 N O2'
EDO non-polymer 1,2-ETHANEDIOL 'C2 H6 O2'
NA non-polymer 'SODIUM ION' 'Na 1'
#
# COMPACT_ATOMS: atom_id res chain seq x y z
N SER A 22 -10.55 25.06 24.87
CA SER A 22 -11.81 24.55 25.42
C SER A 22 -11.59 23.29 26.23
N MET A 23 -12.60 22.90 26.99
CA MET A 23 -12.53 21.64 27.74
CA MET A 23 -12.50 21.65 27.74
C MET A 23 -12.50 20.46 26.77
N GLU A 24 -13.24 20.57 25.68
CA GLU A 24 -13.30 19.49 24.71
C GLU A 24 -11.91 19.21 24.11
N GLN A 25 -11.18 20.27 23.80
CA GLN A 25 -9.84 20.12 23.24
CA GLN A 25 -9.83 20.14 23.24
C GLN A 25 -8.91 19.41 24.21
N VAL A 26 -8.98 19.79 25.48
CA VAL A 26 -8.17 19.15 26.51
C VAL A 26 -8.48 17.66 26.60
N ALA A 27 -9.78 17.33 26.58
CA ALA A 27 -10.25 15.95 26.64
C ALA A 27 -9.71 15.16 25.46
N MET A 28 -9.78 15.76 24.28
CA MET A 28 -9.22 15.17 23.07
C MET A 28 -7.74 14.89 23.25
N GLU A 29 -7.02 15.87 23.79
CA GLU A 29 -5.58 15.76 23.96
C GLU A 29 -5.24 14.69 24.98
N LEU A 30 -6.11 14.48 25.96
CA LEU A 30 -5.89 13.42 26.93
C LEU A 30 -6.00 12.04 26.28
N ARG A 31 -6.95 11.90 25.36
CA ARG A 31 -7.15 10.65 24.65
C ARG A 31 -5.94 10.37 23.76
N LEU A 32 -5.54 11.38 23.00
CA LEU A 32 -4.32 11.30 22.20
C LEU A 32 -3.11 10.88 23.04
N THR A 33 -3.01 11.40 24.24
CA THR A 33 -1.87 11.13 25.10
C THR A 33 -1.85 9.69 25.56
N GLU A 34 -3.04 9.16 25.87
CA GLU A 34 -3.11 7.77 26.29
C GLU A 34 -3.00 6.84 25.08
N LEU A 35 -3.44 7.29 23.91
CA LEU A 35 -3.21 6.51 22.70
C LEU A 35 -1.71 6.39 22.47
N THR A 36 -1.01 7.52 22.58
CA THR A 36 0.44 7.55 22.43
C THR A 36 1.10 6.63 23.46
N ARG A 37 0.55 6.61 24.68
CA ARG A 37 1.07 5.71 25.70
C ARG A 37 0.90 4.25 25.27
N LEU A 38 -0.28 3.92 24.75
CA LEU A 38 -0.57 2.57 24.31
C LEU A 38 0.35 2.19 23.14
N LEU A 39 0.47 3.09 22.18
CA LEU A 39 1.29 2.85 20.98
C LEU A 39 2.78 2.75 21.30
N ARG A 40 3.23 3.43 22.34
CA ARG A 40 4.62 3.33 22.76
C ARG A 40 4.92 1.91 23.21
N SER A 41 4.00 1.34 23.98
CA SER A 41 4.13 -0.05 24.41
C SER A 41 4.12 -1.01 23.22
N VAL A 42 3.18 -0.80 22.31
CA VAL A 42 3.07 -1.59 21.08
C VAL A 42 4.38 -1.51 20.28
N LEU A 43 4.90 -0.30 20.11
CA LEU A 43 6.12 -0.11 19.33
C LEU A 43 7.29 -0.84 19.98
N ASP A 44 7.36 -0.79 21.30
CA ASP A 44 8.42 -1.51 22.00
C ASP A 44 8.32 -3.02 21.77
N GLN A 45 7.11 -3.55 21.85
CA GLN A 45 6.90 -4.98 21.65
C GLN A 45 7.19 -5.39 20.22
N LEU A 46 6.87 -4.52 19.27
CA LEU A 46 7.14 -4.84 17.87
C LEU A 46 8.65 -4.79 17.60
N GLN A 47 9.32 -3.81 18.17
CA GLN A 47 10.75 -3.71 17.93
C GLN A 47 11.51 -4.86 18.59
N ASP A 48 11.00 -5.40 19.70
CA ASP A 48 11.60 -6.60 20.30
C ASP A 48 11.62 -7.80 19.34
N LYS A 49 10.72 -7.79 18.35
CA LYS A 49 10.64 -8.88 17.38
C LYS A 49 11.63 -8.70 16.24
N ASP A 50 12.45 -7.65 16.34
CA ASP A 50 13.55 -7.40 15.41
C ASP A 50 14.88 -7.38 16.19
N PRO A 51 15.29 -8.55 16.72
CA PRO A 51 16.48 -8.55 17.57
C PRO A 51 17.77 -8.25 16.79
N ALA A 52 17.77 -8.50 15.49
CA ALA A 52 18.91 -8.17 14.66
C ALA A 52 19.03 -6.65 14.38
N ARG A 53 18.00 -5.88 14.76
CA ARG A 53 17.94 -4.42 14.56
C ARG A 53 18.07 -4.04 13.08
N ILE A 54 17.55 -4.91 12.23
CA ILE A 54 17.56 -4.69 10.79
C ILE A 54 16.67 -3.50 10.41
N PHE A 55 15.63 -3.25 11.20
CA PHE A 55 14.65 -2.19 10.91
C PHE A 55 14.73 -1.00 11.85
N ALA A 56 15.82 -0.93 12.62
CA ALA A 56 15.95 0.05 13.68
C ALA A 56 16.14 1.47 13.17
N GLN A 57 16.81 1.60 12.03
CA GLN A 57 17.20 2.91 11.52
C GLN A 57 16.83 3.01 10.05
N PRO A 58 16.69 4.23 9.52
CA PRO A 58 16.42 4.27 8.08
C PRO A 58 17.54 3.65 7.29
N VAL A 59 17.20 3.03 6.17
CA VAL A 59 18.20 2.53 5.24
C VAL A 59 19.08 3.71 4.81
N SER A 60 20.39 3.56 4.99
CA SER A 60 21.35 4.60 4.65
C SER A 60 21.46 4.88 3.14
N LEU A 61 21.16 6.10 2.74
CA LEU A 61 21.22 6.45 1.33
C LEU A 61 22.67 6.60 0.89
N LYS A 62 23.58 6.78 1.84
CA LYS A 62 25.00 6.77 1.54
C LYS A 62 25.49 5.35 1.23
N GLU A 63 25.02 4.37 1.99
CA GLU A 63 25.43 2.99 1.82
C GLU A 63 24.60 2.24 0.77
N VAL A 64 23.37 2.70 0.53
CA VAL A 64 22.50 2.13 -0.49
C VAL A 64 21.99 3.24 -1.39
N PRO A 65 22.86 3.74 -2.30
CA PRO A 65 22.59 4.93 -3.13
C PRO A 65 21.33 4.83 -3.99
N ASP A 66 20.92 3.64 -4.42
CA ASP A 66 19.79 3.55 -5.33
C ASP A 66 18.47 3.30 -4.61
N TYR A 67 18.48 3.31 -3.28
CA TYR A 67 17.31 2.86 -2.52
C TYR A 67 16.03 3.62 -2.90
N LEU A 68 16.11 4.94 -3.03
CA LEU A 68 14.92 5.73 -3.32
C LEU A 68 14.40 5.56 -4.75
N ASP A 69 15.20 4.98 -5.64
CA ASP A 69 14.72 4.59 -6.96
C ASP A 69 13.75 3.44 -6.85
N HIS A 70 13.85 2.70 -5.75
CA HIS A 70 13.07 1.47 -5.56
C HIS A 70 11.90 1.70 -4.63
N ILE A 71 12.18 2.35 -3.51
CA ILE A 71 11.22 2.48 -2.44
C ILE A 71 10.80 3.94 -2.32
N LYS A 72 9.51 4.21 -2.51
CA LYS A 72 9.05 5.60 -2.57
C LYS A 72 8.69 6.18 -1.19
N HIS A 73 8.41 5.32 -0.23
CA HIS A 73 8.12 5.79 1.13
C HIS A 73 8.84 4.98 2.20
N PRO A 74 10.13 5.29 2.43
CA PRO A 74 10.94 4.60 3.43
C PRO A 74 10.36 4.71 4.83
N MET A 75 10.60 3.69 5.65
CA MET A 75 10.18 3.75 7.03
C MET A 75 11.08 2.84 7.88
N ASP A 76 11.13 3.12 9.17
CA ASP A 76 11.97 2.38 10.11
C ASP A 76 11.51 2.71 11.54
N PHE A 77 11.95 1.93 12.51
CA PHE A 77 11.47 2.11 13.89
C PHE A 77 11.86 3.46 14.51
N ALA A 78 13.05 3.97 14.20
CA ALA A 78 13.49 5.26 14.75
C ALA A 78 12.59 6.39 14.28
N THR A 79 12.25 6.34 12.99
CA THR A 79 11.40 7.37 12.40
C THR A 79 9.98 7.30 12.97
N MET A 80 9.46 6.09 13.18
CA MET A 80 8.16 5.93 13.85
C MET A 80 8.19 6.50 15.27
N ARG A 81 9.27 6.21 15.98
CA ARG A 81 9.38 6.63 17.37
C ARG A 81 9.42 8.16 17.46
N LYS A 82 10.06 8.80 16.49
CA LYS A 82 10.07 10.26 16.41
C LYS A 82 8.66 10.83 16.21
N ARG A 83 7.91 10.26 15.26
CA ARG A 83 6.53 10.68 15.05
C ARG A 83 5.68 10.38 16.28
N LEU A 84 5.91 9.24 16.90
CA LEU A 84 5.15 8.83 18.08
C LEU A 84 5.29 9.84 19.22
N GLU A 85 6.52 10.20 19.56
CA GLU A 85 6.74 11.08 20.70
C GLU A 85 6.31 12.52 20.42
N ALA A 86 6.13 12.87 19.15
CA ALA A 86 5.53 14.15 18.81
C ALA A 86 4.00 14.05 18.82
N GLN A 87 3.50 12.91 19.28
CA GLN A 87 2.07 12.57 19.23
C GLN A 87 1.49 12.68 17.82
N GLY A 88 2.23 12.17 16.84
CA GLY A 88 1.86 12.32 15.45
C GLY A 88 1.01 11.19 14.88
N TYR A 89 0.66 10.20 15.69
CA TYR A 89 -0.28 9.18 15.25
C TYR A 89 -1.65 9.44 15.89
N LYS A 90 -2.62 9.84 15.08
CA LYS A 90 -3.96 10.18 15.54
C LYS A 90 -4.81 8.95 15.89
N ASN A 91 -4.50 7.83 15.24
CA ASN A 91 -5.22 6.58 15.45
C ASN A 91 -4.32 5.38 15.19
N LEU A 92 -4.79 4.19 15.50
CA LEU A 92 -3.99 2.97 15.30
C LEU A 92 -3.75 2.69 13.82
N HIS A 93 -4.71 3.04 12.97
CA HIS A 93 -4.53 2.81 11.53
C HIS A 93 -3.28 3.52 11.00
N GLU A 94 -3.09 4.78 11.39
CA GLU A 94 -1.92 5.55 10.94
C GLU A 94 -0.62 4.87 11.37
N PHE A 95 -0.59 4.35 12.58
CA PHE A 95 0.55 3.63 13.14
C PHE A 95 0.80 2.33 12.36
N GLU A 96 -0.26 1.57 12.13
CA GLU A 96 -0.13 0.31 11.39
C GLU A 96 0.35 0.50 9.94
N GLU A 97 -0.07 1.59 9.31
N GLU A 97 -0.02 1.61 9.32
CA GLU A 97 0.39 1.91 7.97
CA GLU A 97 0.39 1.86 7.95
C GLU A 97 1.91 1.99 7.95
C GLU A 97 1.88 2.20 7.84
N ASP A 98 2.46 2.71 8.93
CA ASP A 98 3.92 2.90 8.98
C ASP A 98 4.61 1.57 9.26
N PHE A 99 4.08 0.78 10.19
CA PHE A 99 4.64 -0.54 10.47
C PHE A 99 4.63 -1.40 9.20
N ASP A 100 3.53 -1.35 8.46
CA ASP A 100 3.43 -2.18 7.25
C ASP A 100 4.44 -1.70 6.19
N LEU A 101 4.75 -0.41 6.17
CA LEU A 101 5.76 0.09 5.23
C LEU A 101 7.11 -0.52 5.52
N ILE A 102 7.45 -0.64 6.80
CA ILE A 102 8.74 -1.24 7.15
C ILE A 102 8.86 -2.63 6.53
N ILE A 103 7.82 -3.44 6.75
CA ILE A 103 7.74 -4.81 6.24
CA ILE A 103 7.79 -4.81 6.24
C ILE A 103 7.71 -4.86 4.73
N ASP A 104 6.76 -4.14 4.15
CA ASP A 104 6.54 -4.22 2.72
C ASP A 104 7.71 -3.67 1.90
N ASN A 105 8.33 -2.57 2.34
CA ASN A 105 9.50 -2.06 1.62
C ASN A 105 10.59 -3.12 1.57
N CYS A 106 10.80 -3.76 2.71
CA CYS A 106 11.88 -4.74 2.83
C CYS A 106 11.66 -5.96 1.94
N MET A 107 10.42 -6.43 1.87
CA MET A 107 10.09 -7.61 1.08
C MET A 107 10.11 -7.33 -0.42
N LYS A 108 10.11 -6.05 -0.79
CA LYS A 108 10.29 -5.72 -2.19
CA LYS A 108 10.30 -5.63 -2.18
C LYS A 108 11.77 -5.52 -2.53
N TYR A 109 12.48 -4.72 -1.74
CA TYR A 109 13.87 -4.40 -2.05
C TYR A 109 14.77 -5.62 -1.95
N ASN A 110 14.49 -6.51 -1.01
CA ASN A 110 15.33 -7.69 -0.80
C ASN A 110 14.71 -8.99 -1.31
N ALA A 111 15.53 -9.88 -1.86
CA ALA A 111 15.05 -11.14 -2.40
C ALA A 111 14.61 -12.10 -1.32
N ARG A 112 13.77 -13.03 -1.72
CA ARG A 112 13.21 -14.03 -0.82
C ARG A 112 14.25 -14.81 -0.01
N ASP A 113 15.43 -15.01 -0.59
CA ASP A 113 16.46 -15.83 0.05
C ASP A 113 17.48 -15.01 0.85
N THR A 114 17.06 -13.90 1.44
CA THR A 114 18.00 -13.06 2.19
C THR A 114 17.58 -12.98 3.64
N VAL A 115 18.54 -12.69 4.51
CA VAL A 115 18.24 -12.53 5.93
C VAL A 115 17.30 -11.33 6.16
N PHE A 116 17.37 -10.36 5.27
CA PHE A 116 16.52 -9.16 5.38
C PHE A 116 15.06 -9.47 5.09
N TYR A 117 14.80 -10.16 3.98
CA TYR A 117 13.42 -10.54 3.64
C TYR A 117 12.84 -11.43 4.74
N ARG A 118 13.64 -12.38 5.20
CA ARG A 118 13.17 -13.33 6.20
C ARG A 118 12.92 -12.64 7.53
N ALA A 119 13.73 -11.64 7.89
CA ALA A 119 13.46 -10.90 9.13
C ALA A 119 12.13 -10.13 9.04
N ALA A 120 11.81 -9.61 7.86
CA ALA A 120 10.54 -8.91 7.66
C ALA A 120 9.36 -9.88 7.85
N VAL A 121 9.46 -11.06 7.26
CA VAL A 121 8.39 -12.05 7.40
C VAL A 121 8.15 -12.38 8.86
N ARG A 122 9.23 -12.61 9.59
CA ARG A 122 9.14 -13.00 11.00
C ARG A 122 8.58 -11.86 11.83
N LEU A 123 8.98 -10.63 11.52
CA LEU A 123 8.44 -9.45 12.21
C LEU A 123 6.94 -9.30 11.95
N ARG A 124 6.54 -9.48 10.69
CA ARG A 124 5.13 -9.46 10.31
CA ARG A 124 5.11 -9.42 10.37
C ARG A 124 4.34 -10.50 11.10
N ASP A 125 4.85 -11.73 11.09
CA ASP A 125 4.16 -12.84 11.75
C ASP A 125 4.01 -12.60 13.25
N GLN A 126 5.14 -12.33 13.90
CA GLN A 126 5.15 -12.20 15.34
C GLN A 126 4.46 -10.91 15.78
N GLY A 127 4.40 -9.94 14.88
CA GLY A 127 3.77 -8.67 15.20
C GLY A 127 2.25 -8.73 15.20
N GLY A 128 1.70 -9.69 14.45
CA GLY A 128 0.26 -9.78 14.27
C GLY A 128 -0.49 -9.97 15.57
N VAL A 129 0.11 -10.74 16.47
CA VAL A 129 -0.47 -11.00 17.78
C VAL A 129 -0.60 -9.73 18.60
N VAL A 130 0.48 -8.95 18.57
CA VAL A 130 0.58 -7.68 19.30
C VAL A 130 -0.46 -6.70 18.78
N LEU A 131 -0.55 -6.60 17.45
CA LEU A 131 -1.44 -5.64 16.81
C LEU A 131 -2.91 -6.06 16.97
N ARG A 132 -3.16 -7.37 16.97
CA ARG A 132 -4.53 -7.86 17.17
C ARG A 132 -5.07 -7.40 18.52
N GLN A 133 -4.24 -7.49 19.56
CA GLN A 133 -4.67 -7.08 20.89
C GLN A 133 -4.74 -5.55 21.01
N ALA A 134 -3.81 -4.86 20.37
CA ALA A 134 -3.81 -3.39 20.42
C ALA A 134 -5.11 -2.82 19.87
N ARG A 135 -5.58 -3.40 18.78
CA ARG A 135 -6.85 -2.99 18.18
C ARG A 135 -8.01 -3.18 19.14
N ARG A 136 -8.01 -4.27 19.88
CA ARG A 136 -9.08 -4.51 20.83
C ARG A 136 -9.01 -3.52 21.98
N GLU A 137 -7.79 -3.19 22.41
CA GLU A 137 -7.60 -2.23 23.50
C GLU A 137 -8.00 -0.81 23.09
N VAL A 138 -7.67 -0.43 21.87
CA VAL A 138 -8.01 0.90 21.37
C VAL A 138 -9.53 1.05 21.24
N ASP A 139 -10.17 0.02 20.71
CA ASP A 139 -11.62 -0.03 20.59
C ASP A 139 -12.31 0.01 21.96
N SER A 140 -11.88 -0.87 22.87
CA SER A 140 -12.50 -1.00 24.18
C SER A 140 -12.36 0.28 25.01
N ILE A 141 -11.13 0.76 25.14
CA ILE A 141 -10.87 1.97 25.92
C ILE A 141 -11.50 3.19 25.25
N GLY A 142 -11.75 3.08 23.94
CA GLY A 142 -12.34 4.16 23.18
C GLY A 142 -11.31 5.06 22.55
N SER B 22 -35.97 11.69 -10.69
CA SER B 22 -35.53 12.87 -9.97
C SER B 22 -34.20 13.36 -10.49
N MET B 23 -33.91 14.65 -10.29
N MET B 23 -33.93 14.65 -10.31
CA MET B 23 -32.65 15.18 -10.77
CA MET B 23 -32.67 15.22 -10.75
C MET B 23 -31.49 14.68 -9.92
C MET B 23 -31.51 14.63 -9.93
N GLU B 24 -31.80 14.22 -8.71
CA GLU B 24 -30.79 13.59 -7.87
C GLU B 24 -30.36 12.23 -8.45
N GLN B 25 -31.33 11.45 -8.94
CA GLN B 25 -31.02 10.17 -9.58
C GLN B 25 -30.21 10.37 -10.86
N VAL B 26 -30.59 11.38 -11.64
CA VAL B 26 -29.89 11.69 -12.87
C VAL B 26 -28.44 12.05 -12.59
N ALA B 27 -28.20 12.88 -11.57
CA ALA B 27 -26.83 13.23 -11.22
C ALA B 27 -26.02 12.01 -10.75
N MET B 28 -26.64 11.13 -9.98
CA MET B 28 -25.91 9.97 -9.49
C MET B 28 -25.55 9.03 -10.63
N GLU B 29 -26.50 8.83 -11.54
CA GLU B 29 -26.24 7.98 -12.70
C GLU B 29 -25.16 8.58 -13.59
N LEU B 30 -25.17 9.91 -13.75
CA LEU B 30 -24.14 10.56 -14.54
C LEU B 30 -22.76 10.42 -13.91
N ARG B 31 -22.70 10.54 -12.58
CA ARG B 31 -21.41 10.38 -11.91
C ARG B 31 -20.87 8.95 -12.06
N LEU B 32 -21.77 7.98 -12.01
CA LEU B 32 -21.44 6.57 -12.26
C LEU B 32 -20.87 6.38 -13.65
N THR B 33 -21.56 6.87 -14.67
CA THR B 33 -21.13 6.53 -16.03
C THR B 33 -19.87 7.31 -16.44
N GLU B 34 -19.70 8.52 -15.91
CA GLU B 34 -18.52 9.30 -16.19
C GLU B 34 -17.29 8.72 -15.49
N LEU B 35 -17.50 8.19 -14.29
CA LEU B 35 -16.41 7.49 -13.60
C LEU B 35 -15.98 6.28 -14.42
N THR B 36 -16.95 5.51 -14.87
CA THR B 36 -16.64 4.33 -15.66
C THR B 36 -15.88 4.70 -16.94
N ARG B 37 -16.31 5.78 -17.60
CA ARG B 37 -15.64 6.26 -18.81
CA ARG B 37 -15.64 6.23 -18.81
C ARG B 37 -14.18 6.57 -18.54
N LEU B 38 -13.95 7.29 -17.46
CA LEU B 38 -12.61 7.69 -17.06
C LEU B 38 -11.75 6.47 -16.73
N LEU B 39 -12.28 5.56 -15.90
CA LEU B 39 -11.49 4.40 -15.50
C LEU B 39 -11.15 3.51 -16.70
N ARG B 40 -12.09 3.39 -17.64
CA ARG B 40 -11.87 2.57 -18.83
C ARG B 40 -10.70 3.15 -19.65
N SER B 41 -10.68 4.47 -19.81
CA SER B 41 -9.58 5.12 -20.51
C SER B 41 -8.24 4.92 -19.78
N VAL B 42 -8.27 5.07 -18.46
CA VAL B 42 -7.07 4.89 -17.64
C VAL B 42 -6.54 3.47 -17.78
N LEU B 43 -7.44 2.48 -17.66
CA LEU B 43 -7.03 1.09 -17.76
C LEU B 43 -6.41 0.81 -19.12
N ASP B 44 -7.00 1.35 -20.18
N ASP B 44 -7.03 1.35 -20.16
CA ASP B 44 -6.46 1.16 -21.52
CA ASP B 44 -6.50 1.24 -21.53
C ASP B 44 -5.06 1.79 -21.65
C ASP B 44 -5.06 1.75 -21.58
N GLN B 45 -4.86 2.94 -21.03
CA GLN B 45 -3.55 3.59 -21.08
C GLN B 45 -2.52 2.78 -20.32
N LEU B 46 -2.93 2.18 -19.21
CA LEU B 46 -2.00 1.40 -18.41
C LEU B 46 -1.61 0.12 -19.16
N GLN B 47 -2.59 -0.61 -19.69
CA GLN B 47 -2.31 -1.86 -20.41
C GLN B 47 -1.51 -1.66 -21.67
N ASP B 48 -1.74 -0.54 -22.35
CA ASP B 48 -1.02 -0.26 -23.58
CA ASP B 48 -1.02 -0.20 -23.58
C ASP B 48 0.48 -0.13 -23.32
N LYS B 49 0.86 0.09 -22.07
CA LYS B 49 2.27 0.21 -21.71
C LYS B 49 2.89 -1.14 -21.35
N ASP B 50 2.12 -2.22 -21.52
CA ASP B 50 2.57 -3.59 -21.22
C ASP B 50 2.40 -4.48 -22.46
N PRO B 51 3.12 -4.17 -23.55
CA PRO B 51 2.93 -4.96 -24.76
C PRO B 51 3.43 -6.39 -24.61
N ALA B 52 4.26 -6.67 -23.61
CA ALA B 52 4.77 -8.02 -23.39
C ALA B 52 3.77 -8.87 -22.62
N ARG B 53 2.67 -8.21 -22.20
CA ARG B 53 1.56 -8.87 -21.53
CA ARG B 53 1.56 -8.87 -21.54
C ARG B 53 2.00 -9.56 -20.24
N ILE B 54 2.98 -8.96 -19.56
CA ILE B 54 3.45 -9.49 -18.29
C ILE B 54 2.36 -9.43 -17.23
N PHE B 55 1.54 -8.38 -17.28
CA PHE B 55 0.55 -8.12 -16.24
C PHE B 55 -0.88 -8.30 -16.74
N ALA B 56 -1.02 -8.88 -17.93
CA ALA B 56 -2.32 -8.95 -18.61
C ALA B 56 -3.31 -9.93 -17.96
N GLN B 57 -2.77 -11.02 -17.43
CA GLN B 57 -3.58 -12.14 -16.95
C GLN B 57 -3.03 -12.60 -15.62
N PRO B 58 -3.84 -13.31 -14.82
CA PRO B 58 -3.34 -13.83 -13.55
C PRO B 58 -2.06 -14.63 -13.78
N VAL B 59 -1.15 -14.56 -12.82
CA VAL B 59 0.05 -15.38 -12.87
C VAL B 59 -0.37 -16.86 -12.84
N SER B 60 0.22 -17.65 -13.72
CA SER B 60 -0.10 -19.08 -13.83
C SER B 60 0.58 -19.93 -12.76
N LEU B 61 -0.21 -20.68 -12.00
CA LEU B 61 0.34 -21.62 -11.04
C LEU B 61 1.07 -22.78 -11.72
N LYS B 62 0.73 -23.07 -12.97
CA LYS B 62 1.47 -24.08 -13.73
C LYS B 62 2.87 -23.56 -14.04
N GLU B 63 2.96 -22.28 -14.41
CA GLU B 63 4.25 -21.66 -14.67
C GLU B 63 5.00 -21.40 -13.36
N VAL B 64 4.26 -21.00 -12.32
CA VAL B 64 4.85 -20.58 -11.05
C VAL B 64 4.19 -21.26 -9.85
N PRO B 65 4.57 -22.52 -9.57
CA PRO B 65 3.86 -23.31 -8.56
C PRO B 65 3.88 -22.71 -7.15
N ASP B 66 4.88 -21.90 -6.81
CA ASP B 66 4.99 -21.38 -5.45
C ASP B 66 4.45 -19.94 -5.30
N TYR B 67 3.79 -19.42 -6.33
CA TYR B 67 3.39 -18.00 -6.33
C TYR B 67 2.52 -17.64 -5.14
N LEU B 68 1.50 -18.46 -4.88
CA LEU B 68 0.57 -18.15 -3.80
C LEU B 68 1.13 -18.44 -2.42
N ASP B 69 2.27 -19.13 -2.34
CA ASP B 69 2.98 -19.24 -1.06
C ASP B 69 3.33 -17.86 -0.54
N HIS B 70 3.61 -16.96 -1.48
CA HIS B 70 4.18 -15.65 -1.17
C HIS B 70 3.21 -14.51 -1.43
N ILE B 71 2.38 -14.64 -2.45
CA ILE B 71 1.47 -13.55 -2.83
C ILE B 71 0.05 -13.86 -2.39
N LYS B 72 -0.46 -13.07 -1.44
CA LYS B 72 -1.75 -13.33 -0.81
C LYS B 72 -2.95 -12.77 -1.59
N HIS B 73 -2.73 -11.72 -2.35
CA HIS B 73 -3.82 -11.10 -3.13
C HIS B 73 -3.38 -10.79 -4.56
N PRO B 74 -3.40 -11.82 -5.41
CA PRO B 74 -3.02 -11.66 -6.83
C PRO B 74 -3.90 -10.64 -7.55
N MET B 75 -3.30 -9.92 -8.49
CA MET B 75 -4.05 -8.98 -9.31
C MET B 75 -3.39 -8.92 -10.69
N ASP B 76 -4.18 -8.51 -11.68
CA ASP B 76 -3.76 -8.43 -13.07
C ASP B 76 -4.77 -7.54 -13.81
N PHE B 77 -4.44 -7.14 -15.04
CA PHE B 77 -5.27 -6.17 -15.75
C PHE B 77 -6.63 -6.74 -16.15
N ALA B 78 -6.67 -8.03 -16.50
CA ALA B 78 -7.94 -8.64 -16.91
C ALA B 78 -8.91 -8.67 -15.73
N THR B 79 -8.39 -8.97 -14.56
CA THR B 79 -9.20 -9.02 -13.34
C THR B 79 -9.70 -7.61 -12.97
N MET B 80 -8.85 -6.60 -13.21
CA MET B 80 -9.30 -5.21 -13.04
C MET B 80 -10.39 -4.84 -14.07
N ARG B 81 -10.23 -5.29 -15.30
CA ARG B 81 -11.21 -4.95 -16.34
C ARG B 81 -12.58 -5.56 -16.00
N LYS B 82 -12.56 -6.76 -15.45
CA LYS B 82 -13.78 -7.44 -15.00
C LYS B 82 -14.50 -6.66 -13.90
N ARG B 83 -13.75 -6.26 -12.89
CA ARG B 83 -14.29 -5.46 -11.80
C ARG B 83 -14.82 -4.13 -12.31
N LEU B 84 -14.07 -3.51 -13.22
CA LEU B 84 -14.47 -2.23 -13.79
C LEU B 84 -15.80 -2.32 -14.54
N GLU B 85 -15.89 -3.27 -15.46
CA GLU B 85 -17.09 -3.35 -16.29
C GLU B 85 -18.30 -3.83 -15.48
N ALA B 86 -18.04 -4.47 -14.35
CA ALA B 86 -19.10 -4.95 -13.47
C ALA B 86 -19.54 -3.87 -12.47
N GLN B 87 -19.00 -2.68 -12.65
CA GLN B 87 -19.32 -1.55 -11.77
CA GLN B 87 -19.26 -1.54 -11.77
C GLN B 87 -18.81 -1.77 -10.35
N GLY B 88 -17.68 -2.48 -10.21
CA GLY B 88 -17.12 -2.79 -8.90
C GLY B 88 -16.16 -1.79 -8.28
N TYR B 89 -15.78 -0.75 -9.03
CA TYR B 89 -14.97 0.32 -8.47
C TYR B 89 -15.86 1.51 -8.11
N LYS B 90 -15.92 1.84 -6.83
CA LYS B 90 -16.79 2.93 -6.37
C LYS B 90 -16.16 4.29 -6.66
N ASN B 91 -14.84 4.31 -6.71
CA ASN B 91 -14.10 5.55 -6.93
C ASN B 91 -12.71 5.24 -7.50
N LEU B 92 -12.00 6.30 -7.88
CA LEU B 92 -10.65 6.16 -8.43
C LEU B 92 -9.68 5.47 -7.45
N HIS B 93 -9.82 5.76 -6.16
CA HIS B 93 -8.89 5.19 -5.19
C HIS B 93 -8.96 3.66 -5.14
N GLU B 94 -10.16 3.09 -5.22
CA GLU B 94 -10.28 1.63 -5.28
C GLU B 94 -9.56 1.06 -6.51
N PHE B 95 -9.65 1.78 -7.62
CA PHE B 95 -8.95 1.38 -8.86
C PHE B 95 -7.44 1.44 -8.64
N GLU B 96 -6.97 2.56 -8.09
CA GLU B 96 -5.56 2.74 -7.77
CA GLU B 96 -5.57 2.75 -7.76
C GLU B 96 -5.00 1.64 -6.86
N GLU B 97 -5.81 1.22 -5.88
CA GLU B 97 -5.36 0.15 -5.00
C GLU B 97 -5.12 -1.18 -5.73
N ASP B 98 -5.98 -1.49 -6.71
CA ASP B 98 -5.75 -2.71 -7.49
C ASP B 98 -4.52 -2.57 -8.38
N PHE B 99 -4.30 -1.39 -8.96
CA PHE B 99 -3.09 -1.20 -9.78
C PHE B 99 -1.85 -1.36 -8.91
N ASP B 100 -1.89 -0.78 -7.71
CA ASP B 100 -0.76 -0.92 -6.78
C ASP B 100 -0.50 -2.39 -6.40
N LEU B 101 -1.56 -3.19 -6.29
CA LEU B 101 -1.40 -4.62 -6.03
C LEU B 101 -0.57 -5.28 -7.13
N ILE B 102 -0.88 -4.98 -8.39
CA ILE B 102 -0.15 -5.56 -9.52
C ILE B 102 1.34 -5.26 -9.38
N ILE B 103 1.65 -3.98 -9.15
CA ILE B 103 3.02 -3.53 -9.02
C ILE B 103 3.71 -4.14 -7.81
N ASP B 104 3.05 -4.06 -6.66
CA ASP B 104 3.66 -4.48 -5.39
C ASP B 104 3.90 -5.98 -5.36
N ASN B 105 2.94 -6.76 -5.87
CA ASN B 105 3.08 -8.21 -5.95
C ASN B 105 4.31 -8.59 -6.77
N CYS B 106 4.46 -7.91 -7.90
CA CYS B 106 5.57 -8.21 -8.80
C CYS B 106 6.92 -7.84 -8.14
N MET B 107 6.97 -6.70 -7.46
CA MET B 107 8.21 -6.27 -6.80
C MET B 107 8.53 -7.13 -5.58
N LYS B 108 7.50 -7.73 -4.99
CA LYS B 108 7.71 -8.62 -3.85
CA LYS B 108 7.71 -8.62 -3.85
C LYS B 108 8.17 -10.01 -4.29
N TYR B 109 7.55 -10.52 -5.34
CA TYR B 109 7.86 -11.88 -5.78
C TYR B 109 9.20 -11.98 -6.48
N ASN B 110 9.54 -10.98 -7.30
CA ASN B 110 10.75 -11.02 -8.09
C ASN B 110 11.92 -10.26 -7.47
N ALA B 111 13.14 -10.77 -7.66
CA ALA B 111 14.34 -10.07 -7.19
C ALA B 111 14.52 -8.77 -7.96
N ARG B 112 15.15 -7.76 -7.35
CA ARG B 112 15.19 -6.46 -8.01
C ARG B 112 16.01 -6.49 -9.30
N ASP B 113 17.03 -7.33 -9.35
CA ASP B 113 17.84 -7.40 -10.56
C ASP B 113 17.25 -8.43 -11.53
N THR B 114 16.01 -8.19 -11.95
CA THR B 114 15.33 -9.04 -12.94
C THR B 114 14.51 -8.21 -13.94
N VAL B 115 14.17 -8.83 -15.06
CA VAL B 115 13.43 -8.12 -16.09
C VAL B 115 12.01 -7.80 -15.61
N PHE B 116 11.39 -8.75 -14.91
CA PHE B 116 10.01 -8.54 -14.48
C PHE B 116 9.94 -7.46 -13.38
N TYR B 117 10.89 -7.46 -12.46
CA TYR B 117 10.90 -6.42 -11.43
C TYR B 117 11.09 -5.06 -12.09
N ARG B 118 12.03 -4.95 -13.02
CA ARG B 118 12.24 -3.67 -13.68
C ARG B 118 10.99 -3.25 -14.47
N ALA B 119 10.26 -4.20 -15.02
CA ALA B 119 9.02 -3.89 -15.72
C ALA B 119 7.99 -3.29 -14.76
N ALA B 120 7.92 -3.83 -13.55
CA ALA B 120 6.97 -3.30 -12.55
C ALA B 120 7.34 -1.87 -12.19
N VAL B 121 8.63 -1.63 -11.98
CA VAL B 121 9.12 -0.29 -11.66
C VAL B 121 8.82 0.68 -12.81
N ARG B 122 9.02 0.23 -14.04
CA ARG B 122 8.73 1.04 -15.21
C ARG B 122 7.24 1.39 -15.24
N LEU B 123 6.40 0.37 -15.11
CA LEU B 123 4.96 0.56 -15.15
C LEU B 123 4.46 1.40 -13.97
N ARG B 124 5.10 1.25 -12.81
CA ARG B 124 4.75 2.08 -11.66
C ARG B 124 4.95 3.57 -11.94
N ASP B 125 6.10 3.93 -12.52
CA ASP B 125 6.41 5.34 -12.82
CA ASP B 125 6.37 5.33 -12.73
C ASP B 125 5.45 5.89 -13.84
N GLN B 126 5.26 5.13 -14.90
CA GLN B 126 4.39 5.55 -15.98
C GLN B 126 2.94 5.64 -15.48
N GLY B 127 2.54 4.67 -14.67
CA GLY B 127 1.18 4.62 -14.16
C GLY B 127 0.89 5.72 -13.16
N GLY B 128 1.90 6.07 -12.37
CA GLY B 128 1.75 7.17 -11.43
C GLY B 128 1.34 8.45 -12.14
N VAL B 129 1.98 8.73 -13.27
CA VAL B 129 1.64 9.91 -14.05
C VAL B 129 0.19 9.83 -14.57
N VAL B 130 -0.16 8.71 -15.17
CA VAL B 130 -1.52 8.51 -15.67
C VAL B 130 -2.54 8.72 -14.54
N LEU B 131 -2.27 8.13 -13.38
CA LEU B 131 -3.22 8.19 -12.28
C LEU B 131 -3.31 9.58 -11.65
N ARG B 132 -2.20 10.32 -11.59
CA ARG B 132 -2.26 11.68 -11.07
C ARG B 132 -3.08 12.57 -12.00
N GLN B 133 -2.99 12.33 -13.30
CA GLN B 133 -3.82 13.05 -14.26
C GLN B 133 -5.29 12.63 -14.13
N ALA B 134 -5.53 11.36 -13.84
CA ALA B 134 -6.89 10.88 -13.61
C ALA B 134 -7.50 11.56 -12.38
N ARG B 135 -6.68 11.82 -11.36
CA ARG B 135 -7.18 12.52 -10.17
C ARG B 135 -7.61 13.94 -10.55
N ARG B 136 -6.81 14.60 -11.37
CA ARG B 136 -7.15 15.95 -11.83
C ARG B 136 -8.46 15.95 -12.59
N GLU B 137 -8.67 14.91 -13.38
CA GLU B 137 -9.91 14.77 -14.14
C GLU B 137 -11.10 14.49 -13.22
N VAL B 138 -10.90 13.70 -12.18
CA VAL B 138 -11.98 13.43 -11.21
C VAL B 138 -12.44 14.75 -10.60
N ASP B 139 -11.49 15.59 -10.19
CA ASP B 139 -11.82 16.88 -9.62
C ASP B 139 -12.48 17.82 -10.64
N SER B 140 -11.94 17.87 -11.85
CA SER B 140 -12.48 18.75 -12.91
C SER B 140 -13.90 18.38 -13.31
N ILE B 141 -14.18 17.08 -13.41
CA ILE B 141 -15.49 16.61 -13.87
C ILE B 141 -16.52 16.64 -12.75
N GLY B 142 -16.05 16.52 -11.50
CA GLY B 142 -16.90 16.55 -10.32
C GLY B 142 -17.42 15.19 -9.87
N LEU B 143 -16.61 14.16 -10.05
CA LEU B 143 -17.05 12.79 -9.82
C LEU B 143 -17.23 12.39 -8.36
N GLU B 144 -16.53 13.06 -7.46
CA GLU B 144 -16.67 12.75 -6.03
C GLU B 144 -17.42 13.84 -5.25
C1 EDO C . 18.30 -2.88 2.35
O1 EDO C . 17.10 -3.66 2.25
C2 EDO C . 19.51 -3.80 2.30
O2 EDO C . 19.54 -4.46 1.03
C1 EDO D . 16.38 -4.20 5.35
O1 EDO D . 17.71 -3.67 5.48
C2 EDO D . 15.38 -3.16 5.83
O2 EDO D . 14.38 -2.98 4.81
C1 EDO E . 21.12 -3.12 8.37
O1 EDO E . 20.57 -2.96 9.68
C2 EDO E . 20.17 -3.94 7.51
O2 EDO E . 18.92 -3.23 7.32
N1 8U1 F . 17.73 -3.44 4.67
C4 8U1 F . 19.92 -3.57 3.59
C5 8U1 F . 20.83 -4.59 3.30
C6 8U1 F . 22.19 -4.34 3.37
C7 8U1 F . 22.65 -3.09 3.72
C8 8U1 F . 21.74 -2.07 3.99
C10 8U1 F . 24.51 -1.56 4.00
C1 8U1 F . 15.66 -2.89 5.87
C2 8U1 F . 16.42 -3.23 4.63
C3 8U1 F . 18.45 -3.90 3.49
C9 8U1 F . 20.38 -2.31 3.93
O1 8U1 F . 23.99 -2.87 3.78
O2 8U1 F . 15.81 -3.32 3.55
NA NA G . 11.89 -8.00 -4.85
C1 EDO H . 5.66 -11.77 -11.95
O1 EDO H . 5.79 -13.15 -11.63
C2 EDO H . 4.35 -11.52 -12.70
O2 EDO H . 4.22 -10.13 -12.99
C1 EDO I . -5.18 8.09 -7.97
O1 EDO I . -6.17 8.20 -6.95
C2 EDO I . -4.44 9.41 -8.14
O2 EDO I . -4.13 9.95 -6.85
N1 8U1 J . 5.04 -13.08 -12.73
C4 8U1 J . 6.69 -14.88 -12.62
C5 8U1 J . 8.05 -14.84 -12.31
C6 8U1 J . 8.93 -15.64 -13.00
C7 8U1 J . 8.48 -16.47 -14.00
C8 8U1 J . 7.13 -16.51 -14.31
C10 8U1 J . 8.88 -18.30 -15.54
C1 8U1 J . 4.22 -10.81 -13.19
C2 8U1 J . 4.94 -11.81 -12.34
C3 8U1 J . 5.71 -14.02 -11.85
C9 8U1 J . 6.23 -15.71 -13.63
O1 8U1 J . 9.37 -17.27 -14.67
O2 8U1 J . 5.46 -11.48 -11.28
#